data_5WUW
#
_entry.id   5WUW
#
_cell.length_a   84.012
_cell.length_b   84.012
_cell.length_c   115.822
_cell.angle_alpha   90.00
_cell.angle_beta   90.00
_cell.angle_gamma   90.00
#
_symmetry.space_group_name_H-M   'P 41 21 2'
#
loop_
_entity.id
_entity.type
_entity.pdbx_description
1 polymer 'Short-chain dehydrogenase'
2 non-polymer 'NADP NICOTINAMIDE-ADENINE-DINUCLEOTIDE PHOSPHATE'
3 water water
#
_entity_poly.entity_id   1
_entity_poly.type   'polypeptide(L)'
_entity_poly.pdbx_seq_one_letter_code
;MHHHHHHSSGLVPRGSGMKETAAAKFERQHMDSPDLGTMTTAHPLQGKVAFVQGGSRGIGAAIVKRLASEGAAVAFTYAA
SADRAEAVASAVTTAGGKVLAIKADSADAAALQQAVRQAVSHFGNLDILVNNAGVLTLGGTEELALDDLDRMLAVNVRSV
FVASQEAARHMNDGGRIIHIGSTNAERVPFGGAAVYAMSKSALVGLTKGMARDLGPRSITVNNVQPGPVDTEMNPDAGEL
ADQLKQLMAIGRYGKDEEIAGFVAYLAGPQAGYITGASLSIDGGFSA
;
_entity_poly.pdbx_strand_id   A,B
#
# COMPACT_ATOMS: atom_id res chain seq x y z
N HIS A 43 2.32 -5.06 -20.11
CA HIS A 43 0.92 -5.59 -19.90
C HIS A 43 0.83 -6.70 -18.84
N PRO A 44 1.02 -6.33 -17.56
CA PRO A 44 1.05 -7.39 -16.56
C PRO A 44 -0.28 -8.05 -16.30
N LEU A 45 -1.38 -7.47 -16.79
CA LEU A 45 -2.73 -8.04 -16.63
C LEU A 45 -3.28 -8.62 -17.92
N GLN A 46 -2.43 -8.81 -18.92
CA GLN A 46 -2.90 -9.44 -20.17
C GLN A 46 -3.65 -10.70 -19.88
N GLY A 47 -4.77 -10.92 -20.54
CA GLY A 47 -5.63 -12.04 -20.34
C GLY A 47 -6.47 -12.07 -19.03
N LYS A 48 -6.36 -11.06 -18.18
CA LYS A 48 -7.14 -11.03 -16.97
C LYS A 48 -8.47 -10.39 -17.20
N VAL A 49 -9.39 -10.72 -16.29
CA VAL A 49 -10.73 -10.17 -16.30
C VAL A 49 -10.98 -9.43 -14.98
N ALA A 50 -11.41 -8.16 -15.07
CA ALA A 50 -11.68 -7.35 -13.90
C ALA A 50 -13.08 -6.80 -13.87
N PHE A 51 -13.66 -6.78 -12.67
CA PHE A 51 -14.97 -6.20 -12.42
C PHE A 51 -14.75 -5.03 -11.44
N VAL A 52 -15.22 -3.83 -11.82
CA VAL A 52 -15.13 -2.63 -10.97
C VAL A 52 -16.53 -2.13 -10.61
N GLN A 53 -16.89 -2.25 -9.34
CA GLN A 53 -18.15 -1.70 -8.86
C GLN A 53 -17.98 -0.21 -8.62
N GLY A 54 -18.72 0.63 -9.36
CA GLY A 54 -18.57 2.09 -9.38
C GLY A 54 -17.39 2.57 -10.20
N GLY A 55 -17.47 2.40 -11.50
CA GLY A 55 -16.39 2.61 -12.43
C GLY A 55 -16.50 3.85 -13.34
N SER A 56 -17.51 4.71 -13.17
CA SER A 56 -17.81 5.66 -14.24
C SER A 56 -17.29 7.10 -13.98
N ARG A 57 -16.78 7.35 -12.80
CA ARG A 57 -16.31 8.70 -12.51
C ARG A 57 -15.18 8.62 -11.44
N GLY A 58 -14.46 9.71 -11.27
CA GLY A 58 -13.47 9.86 -10.20
C GLY A 58 -12.45 8.71 -10.10
N ILE A 59 -12.30 8.14 -8.93
CA ILE A 59 -11.31 7.08 -8.70
C ILE A 59 -11.68 5.83 -9.52
N GLY A 60 -12.98 5.53 -9.60
CA GLY A 60 -13.43 4.33 -10.29
C GLY A 60 -13.05 4.35 -11.77
N ALA A 61 -13.26 5.52 -12.41
CA ALA A 61 -12.95 5.69 -13.81
C ALA A 61 -11.46 5.53 -14.05
N ALA A 62 -10.62 6.10 -13.15
CA ALA A 62 -9.18 6.00 -13.25
C ALA A 62 -8.78 4.52 -13.11
N ILE A 63 -9.43 3.76 -12.19
CA ILE A 63 -9.10 2.33 -11.97
C ILE A 63 -9.48 1.52 -13.21
N VAL A 64 -10.67 1.75 -13.76
CA VAL A 64 -11.05 1.05 -15.02
C VAL A 64 -10.00 1.27 -16.12
N LYS A 65 -9.63 2.54 -16.35
CA LYS A 65 -8.68 2.83 -17.43
C LYS A 65 -7.31 2.22 -17.21
N ARG A 66 -6.83 2.28 -15.97
CA ARG A 66 -5.56 1.74 -15.65
C ARG A 66 -5.51 0.21 -15.78
N LEU A 67 -6.50 -0.48 -15.20
CA LEU A 67 -6.58 -1.95 -15.40
C LEU A 67 -6.62 -2.35 -16.84
N ALA A 68 -7.41 -1.63 -17.63
CA ALA A 68 -7.48 -1.89 -19.07
C ALA A 68 -6.17 -1.57 -19.77
N SER A 69 -5.46 -0.51 -19.38
CA SER A 69 -4.16 -0.20 -19.98
C SER A 69 -3.07 -1.29 -19.72
N GLU A 70 -3.14 -1.98 -18.60
CA GLU A 70 -2.26 -3.14 -18.32
C GLU A 70 -2.66 -4.48 -18.95
N GLY A 71 -3.75 -4.47 -19.71
CA GLY A 71 -4.27 -5.61 -20.45
C GLY A 71 -5.53 -6.29 -20.00
N ALA A 72 -6.16 -5.87 -18.90
CA ALA A 72 -7.35 -6.55 -18.45
C ALA A 72 -8.57 -6.21 -19.28
N ALA A 73 -9.46 -7.16 -19.49
CA ALA A 73 -10.85 -6.86 -19.91
C ALA A 73 -11.58 -6.35 -18.70
N VAL A 74 -12.32 -5.25 -18.84
CA VAL A 74 -12.93 -4.65 -17.71
C VAL A 74 -14.44 -4.49 -17.89
N ALA A 75 -15.14 -5.06 -16.93
CA ALA A 75 -16.55 -4.76 -16.72
C ALA A 75 -16.71 -3.84 -15.55
N PHE A 76 -17.56 -2.81 -15.69
CA PHE A 76 -17.79 -1.88 -14.60
C PHE A 76 -19.22 -1.51 -14.43
N THR A 77 -19.61 -1.16 -13.22
CA THR A 77 -20.97 -0.75 -12.98
C THR A 77 -21.04 0.78 -12.92
N TYR A 78 -22.18 1.34 -13.28
CA TYR A 78 -22.51 2.74 -13.02
C TYR A 78 -23.98 2.84 -12.61
N ALA A 79 -24.35 3.86 -11.86
CA ALA A 79 -25.73 4.04 -11.44
C ALA A 79 -26.38 5.29 -12.03
N ALA A 80 -25.59 6.35 -12.28
CA ALA A 80 -26.10 7.71 -12.41
C ALA A 80 -26.18 8.10 -13.90
N SER A 81 -25.04 8.07 -14.58
CA SER A 81 -24.92 8.76 -15.90
C SER A 81 -24.40 7.79 -16.98
N ALA A 82 -25.26 7.48 -17.95
CA ALA A 82 -24.83 6.74 -19.14
C ALA A 82 -23.77 7.47 -19.95
N ASP A 83 -23.80 8.79 -19.99
CA ASP A 83 -22.73 9.57 -20.65
C ASP A 83 -21.38 9.51 -20.03
N ARG A 84 -21.31 9.56 -18.68
CA ARG A 84 -20.03 9.29 -18.05
C ARG A 84 -19.54 7.86 -18.33
N ALA A 85 -20.43 6.86 -18.22
CA ALA A 85 -20.07 5.47 -18.52
C ALA A 85 -19.54 5.29 -19.95
N GLU A 86 -20.26 5.88 -20.91
CA GLU A 86 -19.80 5.85 -22.33
C GLU A 86 -18.39 6.41 -22.55
N ALA A 87 -18.06 7.52 -21.91
CA ALA A 87 -16.75 8.14 -21.99
C ALA A 87 -15.65 7.27 -21.38
N VAL A 88 -15.95 6.62 -20.26
CA VAL A 88 -14.99 5.65 -19.70
C VAL A 88 -14.79 4.48 -20.65
N ALA A 89 -15.89 3.97 -21.17
CA ALA A 89 -15.83 2.85 -22.08
C ALA A 89 -15.05 3.23 -23.33
N SER A 90 -15.25 4.43 -23.83
CA SER A 90 -14.45 4.95 -24.96
C SER A 90 -13.00 5.17 -24.67
N ALA A 91 -12.62 5.61 -23.45
CA ALA A 91 -11.17 5.69 -23.10
C ALA A 91 -10.51 4.30 -23.14
N VAL A 92 -11.23 3.29 -22.67
CA VAL A 92 -10.74 1.93 -22.76
C VAL A 92 -10.52 1.46 -24.23
N THR A 93 -11.52 1.62 -25.07
CA THR A 93 -11.46 1.05 -26.43
C THR A 93 -10.61 1.89 -27.42
N THR A 94 -10.57 3.23 -27.26
CA THR A 94 -9.78 4.07 -28.15
C THR A 94 -8.31 3.66 -27.99
N ALA A 95 -7.94 3.21 -26.79
CA ALA A 95 -6.60 2.76 -26.56
C ALA A 95 -6.45 1.20 -26.72
N GLY A 96 -7.45 0.57 -27.32
CA GLY A 96 -7.38 -0.85 -27.72
C GLY A 96 -7.83 -1.91 -26.72
N GLY A 97 -8.45 -1.51 -25.59
CA GLY A 97 -8.84 -2.47 -24.50
C GLY A 97 -10.30 -2.91 -24.72
N LYS A 98 -10.75 -3.89 -23.94
CA LYS A 98 -12.11 -4.48 -23.97
C LYS A 98 -12.91 -4.09 -22.76
N VAL A 99 -14.16 -3.67 -22.95
CA VAL A 99 -14.95 -3.12 -21.83
C VAL A 99 -16.41 -3.50 -21.97
N LEU A 100 -17.07 -3.59 -20.84
CA LEU A 100 -18.49 -3.77 -20.69
C LEU A 100 -18.97 -2.83 -19.62
N ALA A 101 -19.89 -1.93 -19.94
CA ALA A 101 -20.48 -1.03 -18.98
C ALA A 101 -21.82 -1.54 -18.54
N ILE A 102 -22.08 -1.62 -17.23
CA ILE A 102 -23.35 -2.18 -16.73
C ILE A 102 -24.04 -1.17 -15.81
N LYS A 103 -25.30 -0.83 -16.13
CA LYS A 103 -26.13 0.01 -15.23
C LYS A 103 -26.62 -0.85 -14.06
N ALA A 104 -26.22 -0.48 -12.84
CA ALA A 104 -26.58 -1.25 -11.67
C ALA A 104 -26.50 -0.40 -10.44
N ASP A 105 -27.59 -0.33 -9.67
CA ASP A 105 -27.65 0.47 -8.43
C ASP A 105 -27.04 -0.38 -7.31
N SER A 106 -25.93 0.03 -6.73
CA SER A 106 -25.24 -0.76 -5.67
C SER A 106 -26.04 -0.95 -4.36
N ALA A 107 -27.03 -0.09 -4.12
CA ALA A 107 -28.03 -0.31 -3.07
C ALA A 107 -28.95 -1.53 -3.33
N ASP A 108 -28.99 -2.09 -4.54
CA ASP A 108 -29.92 -3.19 -4.83
C ASP A 108 -29.15 -4.50 -4.89
N ALA A 109 -29.36 -5.43 -3.91
CA ALA A 109 -28.59 -6.70 -3.84
C ALA A 109 -28.72 -7.49 -5.13
N ALA A 110 -29.95 -7.59 -5.63
CA ALA A 110 -30.18 -8.43 -6.85
C ALA A 110 -29.41 -7.85 -8.06
N ALA A 111 -29.50 -6.55 -8.24
CA ALA A 111 -28.87 -5.92 -9.39
C ALA A 111 -27.38 -6.10 -9.40
N LEU A 112 -26.74 -6.08 -8.23
CA LEU A 112 -25.32 -6.24 -8.17
C LEU A 112 -24.87 -7.66 -8.53
N GLN A 113 -25.55 -8.64 -7.98
CA GLN A 113 -25.26 -10.02 -8.28
C GLN A 113 -25.50 -10.26 -9.76
N GLN A 114 -26.56 -9.68 -10.30
CA GLN A 114 -26.85 -9.80 -11.74
C GLN A 114 -25.73 -9.20 -12.56
N ALA A 115 -25.24 -8.02 -12.14
CA ALA A 115 -24.14 -7.39 -12.88
C ALA A 115 -22.91 -8.28 -12.94
N VAL A 116 -22.53 -8.88 -11.81
CA VAL A 116 -21.36 -9.77 -11.76
C VAL A 116 -21.58 -10.93 -12.71
N ARG A 117 -22.77 -11.54 -12.71
CA ARG A 117 -23.02 -12.63 -13.68
C ARG A 117 -22.99 -12.22 -15.15
N GLN A 118 -23.50 -11.02 -15.46
CA GLN A 118 -23.42 -10.45 -16.79
C GLN A 118 -22.00 -10.27 -17.27
N ALA A 119 -21.13 -9.81 -16.38
CA ALA A 119 -19.73 -9.68 -16.67
C ALA A 119 -19.05 -11.02 -16.99
N VAL A 120 -19.39 -12.01 -16.22
CA VAL A 120 -18.86 -13.35 -16.39
C VAL A 120 -19.29 -13.98 -17.71
N SER A 121 -20.58 -13.81 -18.06
CA SER A 121 -21.08 -14.28 -19.38
C SER A 121 -20.34 -13.61 -20.48
N HIS A 122 -19.99 -12.35 -20.27
CA HIS A 122 -19.37 -11.55 -21.31
C HIS A 122 -17.94 -11.87 -21.48
N PHE A 123 -17.17 -11.99 -20.37
CA PHE A 123 -15.71 -12.10 -20.48
C PHE A 123 -15.13 -13.42 -19.98
N GLY A 124 -15.92 -14.21 -19.29
CA GLY A 124 -15.47 -15.43 -18.59
C GLY A 124 -15.21 -15.14 -17.07
N ASN A 125 -14.56 -16.03 -16.39
CA ASN A 125 -14.41 -15.95 -14.93
C ASN A 125 -13.53 -14.76 -14.56
N LEU A 126 -13.85 -14.16 -13.44
CA LEU A 126 -13.11 -12.98 -12.96
C LEU A 126 -11.76 -13.35 -12.31
N ASP A 127 -10.79 -12.49 -12.52
CA ASP A 127 -9.53 -12.48 -11.81
C ASP A 127 -9.51 -11.42 -10.72
N ILE A 128 -10.16 -10.26 -11.02
CA ILE A 128 -9.98 -9.06 -10.20
C ILE A 128 -11.40 -8.47 -9.90
N LEU A 129 -11.70 -8.18 -8.63
CA LEU A 129 -12.85 -7.39 -8.25
C LEU A 129 -12.33 -6.12 -7.52
N VAL A 130 -12.86 -4.94 -7.88
CA VAL A 130 -12.62 -3.71 -7.13
C VAL A 130 -13.95 -3.13 -6.66
N ASN A 131 -14.16 -3.01 -5.34
CA ASN A 131 -15.39 -2.47 -4.79
C ASN A 131 -15.16 -1.00 -4.49
N ASN A 132 -15.54 -0.19 -5.44
CA ASN A 132 -15.42 1.29 -5.30
C ASN A 132 -16.73 2.10 -5.15
N ALA A 133 -17.87 1.50 -4.93
CA ALA A 133 -19.10 2.29 -4.63
C ALA A 133 -18.97 2.96 -3.29
N GLY A 134 -19.61 4.11 -3.09
CA GLY A 134 -19.35 4.81 -1.84
C GLY A 134 -20.28 5.98 -1.79
N VAL A 135 -20.93 6.14 -0.64
CA VAL A 135 -21.89 7.22 -0.40
C VAL A 135 -21.41 7.95 0.89
N LEU A 136 -21.63 9.27 0.93
CA LEU A 136 -21.30 10.14 2.08
C LEU A 136 -22.44 11.14 2.34
N THR A 137 -22.97 11.07 3.56
CA THR A 137 -23.81 12.11 4.14
C THR A 137 -23.14 12.52 5.44
N LEU A 138 -22.91 13.82 5.63
CA LEU A 138 -22.52 14.39 6.93
C LEU A 138 -23.73 14.51 7.85
N GLY A 139 -23.57 14.19 9.12
CA GLY A 139 -24.57 14.45 10.08
C GLY A 139 -24.12 14.04 11.45
N GLY A 140 -24.35 14.90 12.41
CA GLY A 140 -24.11 14.52 13.78
C GLY A 140 -24.90 13.33 14.25
N THR A 141 -24.38 12.68 15.27
CA THR A 141 -25.05 11.60 15.93
C THR A 141 -26.51 11.94 16.29
N GLU A 142 -26.74 13.15 16.77
CA GLU A 142 -28.08 13.48 17.26
C GLU A 142 -29.01 13.86 16.14
N GLU A 143 -28.49 14.19 14.98
CA GLU A 143 -29.28 14.74 13.87
C GLU A 143 -29.46 13.82 12.66
N LEU A 144 -28.52 12.91 12.38
CA LEU A 144 -28.51 12.15 11.10
C LEU A 144 -29.83 11.41 10.87
N ALA A 145 -30.40 11.57 9.70
CA ALA A 145 -31.66 10.88 9.36
C ALA A 145 -31.40 9.37 9.19
N LEU A 146 -32.31 8.59 9.73
CA LEU A 146 -32.28 7.15 9.70
C LEU A 146 -32.22 6.58 8.25
N ASP A 147 -32.85 7.29 7.29
CA ASP A 147 -32.69 7.08 5.81
C ASP A 147 -31.24 7.07 5.32
N ASP A 148 -30.53 8.13 5.77
CA ASP A 148 -29.15 8.40 5.44
C ASP A 148 -28.20 7.37 6.04
N LEU A 149 -28.42 6.96 7.30
CA LEU A 149 -27.78 5.79 7.88
C LEU A 149 -27.97 4.54 6.99
N ASP A 150 -29.23 4.16 6.81
CA ASP A 150 -29.58 2.96 6.03
C ASP A 150 -28.92 2.96 4.67
N ARG A 151 -28.83 4.09 4.03
CA ARG A 151 -28.23 4.19 2.72
C ARG A 151 -26.66 4.14 2.64
N MET A 152 -25.93 4.79 3.55
CA MET A 152 -24.51 4.48 3.69
C MET A 152 -24.23 2.98 4.01
N LEU A 153 -25.02 2.35 4.86
CA LEU A 153 -24.85 0.90 5.18
C LEU A 153 -25.06 0.00 3.97
N ALA A 154 -26.10 0.36 3.20
CA ALA A 154 -26.46 -0.36 1.98
C ALA A 154 -25.38 -0.39 0.93
N VAL A 155 -24.86 0.77 0.55
CA VAL A 155 -23.83 0.93 -0.43
C VAL A 155 -22.43 0.61 0.17
N ASN A 156 -22.05 1.23 1.31
CA ASN A 156 -20.62 1.19 1.73
C ASN A 156 -20.23 -0.12 2.38
N VAL A 157 -21.21 -0.83 2.86
CA VAL A 157 -21.00 -2.06 3.56
C VAL A 157 -21.66 -3.26 2.86
N ARG A 158 -23.01 -3.30 2.84
CA ARG A 158 -23.77 -4.46 2.37
C ARG A 158 -23.34 -4.87 0.98
N SER A 159 -23.26 -3.90 0.07
CA SER A 159 -22.94 -4.17 -1.34
C SER A 159 -21.49 -4.54 -1.64
N VAL A 160 -20.60 -4.21 -0.72
CA VAL A 160 -19.24 -4.67 -0.78
C VAL A 160 -19.23 -6.20 -0.54
N PHE A 161 -19.90 -6.68 0.52
CA PHE A 161 -20.05 -8.12 0.72
C PHE A 161 -20.82 -8.81 -0.43
N VAL A 162 -21.92 -8.20 -0.86
CA VAL A 162 -22.77 -8.83 -1.89
C VAL A 162 -21.97 -9.08 -3.20
N ALA A 163 -21.24 -8.07 -3.65
CA ALA A 163 -20.45 -8.17 -4.82
C ALA A 163 -19.28 -9.14 -4.61
N SER A 164 -18.64 -9.08 -3.44
CA SER A 164 -17.51 -9.93 -3.17
C SER A 164 -17.95 -11.43 -3.26
N GLN A 165 -19.11 -11.73 -2.73
CA GLN A 165 -19.62 -13.11 -2.63
C GLN A 165 -19.89 -13.63 -4.06
N GLU A 166 -20.54 -12.82 -4.88
CA GLU A 166 -20.90 -13.29 -6.23
C GLU A 166 -19.62 -13.39 -7.11
N ALA A 167 -18.68 -12.47 -6.93
CA ALA A 167 -17.47 -12.45 -7.70
C ALA A 167 -16.69 -13.73 -7.28
N ALA A 168 -16.59 -13.96 -5.95
CA ALA A 168 -15.84 -15.10 -5.42
C ALA A 168 -16.34 -16.44 -6.02
N ARG A 169 -17.66 -16.58 -6.14
CA ARG A 169 -18.27 -17.70 -6.81
C ARG A 169 -17.94 -17.86 -8.28
N HIS A 170 -17.40 -16.82 -8.92
CA HIS A 170 -17.02 -16.86 -10.29
C HIS A 170 -15.61 -16.32 -10.54
N MET A 171 -14.69 -16.61 -9.63
CA MET A 171 -13.34 -16.09 -9.68
C MET A 171 -12.35 -17.21 -9.83
N ASN A 172 -11.26 -16.93 -10.54
CA ASN A 172 -10.20 -17.93 -10.69
C ASN A 172 -9.37 -17.95 -9.39
N ASP A 173 -8.83 -19.13 -9.03
CA ASP A 173 -7.76 -19.14 -8.02
C ASP A 173 -6.65 -18.20 -8.44
N GLY A 174 -5.98 -17.61 -7.46
CA GLY A 174 -4.98 -16.58 -7.74
C GLY A 174 -5.55 -15.18 -8.06
N GLY A 175 -6.83 -14.98 -7.80
CA GLY A 175 -7.53 -13.74 -7.96
C GLY A 175 -7.25 -12.67 -6.92
N ARG A 176 -8.00 -11.56 -6.98
CA ARG A 176 -7.71 -10.37 -6.21
C ARG A 176 -8.99 -9.62 -5.96
N ILE A 177 -9.30 -9.36 -4.70
CA ILE A 177 -10.43 -8.55 -4.32
C ILE A 177 -9.83 -7.32 -3.58
N ILE A 178 -10.20 -6.15 -4.05
CA ILE A 178 -9.73 -4.91 -3.49
C ILE A 178 -10.92 -4.04 -3.08
N HIS A 179 -11.05 -3.74 -1.80
CA HIS A 179 -12.09 -2.83 -1.35
C HIS A 179 -11.55 -1.42 -1.27
N ILE A 180 -12.37 -0.41 -1.61
CA ILE A 180 -11.89 0.93 -1.47
C ILE A 180 -12.56 1.48 -0.21
N GLY A 181 -11.80 1.60 0.85
CA GLY A 181 -12.23 2.16 2.12
C GLY A 181 -11.96 3.61 2.31
N SER A 182 -11.43 3.99 3.45
CA SER A 182 -11.17 5.40 3.75
C SER A 182 -10.25 5.46 4.95
N THR A 183 -9.34 6.41 4.88
CA THR A 183 -8.54 6.84 6.03
C THR A 183 -9.38 7.21 7.22
N ASN A 184 -10.66 7.55 7.00
CA ASN A 184 -11.54 7.78 8.17
C ASN A 184 -11.84 6.55 8.98
N ALA A 185 -11.49 5.38 8.51
CA ALA A 185 -11.52 4.22 9.40
C ALA A 185 -10.55 4.40 10.57
N GLU A 186 -9.46 5.14 10.36
CA GLU A 186 -8.39 5.27 11.33
C GLU A 186 -8.36 6.62 12.05
N ARG A 187 -8.68 7.71 11.37
CA ARG A 187 -8.63 9.07 11.95
C ARG A 187 -9.92 9.80 11.58
N VAL A 188 -10.66 10.23 12.61
CA VAL A 188 -11.87 10.96 12.42
C VAL A 188 -11.67 12.27 13.18
N PRO A 189 -11.20 13.32 12.50
CA PRO A 189 -10.79 14.52 13.23
C PRO A 189 -11.88 15.49 13.53
N PHE A 190 -13.04 15.36 12.91
CA PHE A 190 -14.16 16.33 13.08
C PHE A 190 -15.46 15.63 13.38
N GLY A 191 -16.45 16.40 13.85
CA GLY A 191 -17.79 15.81 13.98
C GLY A 191 -18.49 15.63 12.67
N GLY A 192 -19.55 14.87 12.66
CA GLY A 192 -20.39 14.75 11.49
C GLY A 192 -20.12 13.52 10.63
N ALA A 193 -19.06 12.76 10.93
CA ALA A 193 -18.63 11.62 10.14
C ALA A 193 -18.82 10.25 10.83
N ALA A 194 -19.57 10.19 11.94
CA ALA A 194 -19.72 8.94 12.68
C ALA A 194 -20.14 7.79 11.79
N VAL A 195 -21.23 7.95 11.03
CA VAL A 195 -21.74 6.86 10.26
C VAL A 195 -20.86 6.55 9.05
N TYR A 196 -20.30 7.58 8.42
CA TYR A 196 -19.43 7.30 7.30
C TYR A 196 -18.18 6.51 7.79
N ALA A 197 -17.55 6.99 8.87
CA ALA A 197 -16.37 6.25 9.45
C ALA A 197 -16.67 4.83 9.85
N MET A 198 -17.84 4.60 10.44
CA MET A 198 -18.31 3.28 10.80
C MET A 198 -18.38 2.41 9.57
N SER A 199 -18.91 2.96 8.49
CA SER A 199 -19.12 2.17 7.28
C SER A 199 -17.77 1.80 6.59
N LYS A 200 -16.78 2.66 6.75
CA LYS A 200 -15.47 2.37 6.23
C LYS A 200 -14.59 1.53 7.16
N SER A 201 -14.71 1.66 8.49
CA SER A 201 -14.02 0.77 9.43
C SER A 201 -14.56 -0.65 9.41
N ALA A 202 -15.83 -0.83 8.98
CA ALA A 202 -16.37 -2.11 8.69
C ALA A 202 -15.51 -2.94 7.71
N LEU A 203 -14.86 -2.32 6.77
CA LEU A 203 -14.12 -3.03 5.79
C LEU A 203 -12.84 -3.65 6.36
N VAL A 204 -12.36 -3.16 7.51
CA VAL A 204 -11.19 -3.73 8.16
C VAL A 204 -11.38 -5.20 8.56
N GLY A 205 -12.44 -5.47 9.32
CA GLY A 205 -12.79 -6.82 9.72
C GLY A 205 -13.26 -7.69 8.55
N LEU A 206 -14.02 -7.10 7.62
CA LEU A 206 -14.42 -7.79 6.38
C LEU A 206 -13.21 -8.34 5.62
N THR A 207 -12.22 -7.48 5.49
CA THR A 207 -10.97 -7.79 4.71
C THR A 207 -10.20 -8.91 5.40
N LYS A 208 -10.07 -8.82 6.72
CA LYS A 208 -9.35 -9.83 7.51
C LYS A 208 -10.06 -11.20 7.32
N GLY A 209 -11.38 -11.23 7.55
CA GLY A 209 -12.10 -12.55 7.50
C GLY A 209 -12.20 -13.11 6.08
N MET A 210 -12.36 -12.24 5.06
CA MET A 210 -12.34 -12.66 3.65
C MET A 210 -11.01 -13.22 3.23
N ALA A 211 -9.92 -12.58 3.69
CA ALA A 211 -8.58 -13.09 3.47
C ALA A 211 -8.42 -14.54 3.97
N ARG A 212 -8.95 -14.82 5.17
CA ARG A 212 -8.93 -16.16 5.72
C ARG A 212 -9.76 -17.13 4.88
N ASP A 213 -10.94 -16.68 4.46
CA ASP A 213 -11.85 -17.49 3.66
C ASP A 213 -11.28 -17.90 2.34
N LEU A 214 -10.65 -16.94 1.65
CA LEU A 214 -10.24 -17.14 0.26
C LEU A 214 -8.76 -17.42 0.08
N GLY A 215 -8.01 -17.30 1.18
CA GLY A 215 -6.55 -17.59 1.10
C GLY A 215 -6.19 -19.02 0.58
N PRO A 216 -6.99 -20.03 0.91
CA PRO A 216 -6.74 -21.40 0.32
C PRO A 216 -6.85 -21.45 -1.20
N ARG A 217 -7.62 -20.54 -1.79
CA ARG A 217 -7.72 -20.40 -3.23
C ARG A 217 -6.68 -19.44 -3.86
N SER A 218 -5.75 -18.96 -3.05
CA SER A 218 -4.71 -18.02 -3.40
C SER A 218 -5.36 -16.70 -3.91
N ILE A 219 -6.52 -16.38 -3.45
CA ILE A 219 -7.16 -15.10 -3.76
C ILE A 219 -6.78 -14.12 -2.67
N THR A 220 -6.28 -12.95 -3.03
CA THR A 220 -5.94 -11.95 -2.02
C THR A 220 -7.12 -11.00 -1.81
N VAL A 221 -7.19 -10.49 -0.58
CA VAL A 221 -8.18 -9.51 -0.25
C VAL A 221 -7.56 -8.36 0.54
N ASN A 222 -7.72 -7.13 0.04
CA ASN A 222 -7.10 -5.96 0.66
C ASN A 222 -8.05 -4.78 0.66
N ASN A 223 -7.83 -3.88 1.60
CA ASN A 223 -8.66 -2.67 1.80
C ASN A 223 -7.73 -1.49 1.54
N VAL A 224 -7.96 -0.77 0.44
CA VAL A 224 -7.22 0.46 0.16
C VAL A 224 -7.93 1.65 0.85
N GLN A 225 -7.21 2.42 1.65
CA GLN A 225 -7.84 3.47 2.47
C GLN A 225 -7.35 4.83 1.98
N PRO A 226 -8.11 5.46 1.05
CA PRO A 226 -7.58 6.77 0.63
C PRO A 226 -7.90 7.90 1.56
N GLY A 227 -7.08 8.94 1.46
CA GLY A 227 -7.37 10.23 2.06
C GLY A 227 -8.12 11.02 1.01
N PRO A 228 -8.18 12.36 1.19
CA PRO A 228 -8.92 13.22 0.27
C PRO A 228 -8.32 13.09 -1.15
N VAL A 229 -9.18 12.93 -2.14
CA VAL A 229 -8.79 12.81 -3.56
C VAL A 229 -9.61 13.83 -4.36
N ASP A 230 -8.93 14.53 -5.28
CA ASP A 230 -9.51 15.66 -6.03
C ASP A 230 -10.57 15.12 -7.03
N THR A 231 -11.84 15.27 -6.71
CA THR A 231 -12.86 14.88 -7.67
C THR A 231 -13.86 16.01 -7.79
N GLU A 232 -14.87 15.83 -8.65
CA GLU A 232 -15.85 16.97 -8.85
C GLU A 232 -16.66 17.29 -7.63
N MET A 233 -17.05 16.23 -6.90
CA MET A 233 -17.85 16.39 -5.68
C MET A 233 -17.00 16.68 -4.45
N ASN A 234 -15.69 16.35 -4.47
CA ASN A 234 -14.76 16.76 -3.43
C ASN A 234 -13.49 17.42 -4.00
N PRO A 235 -13.61 18.66 -4.50
CA PRO A 235 -12.56 19.31 -5.22
C PRO A 235 -11.48 19.83 -4.28
N ASP A 236 -10.24 19.83 -4.76
CA ASP A 236 -9.11 20.40 -4.00
C ASP A 236 -9.16 21.90 -4.22
N ALA A 237 -10.05 22.58 -3.51
CA ALA A 237 -10.32 24.06 -3.69
C ALA A 237 -11.26 24.47 -2.58
N GLY A 238 -11.09 25.63 -1.99
CA GLY A 238 -12.09 26.09 -0.95
C GLY A 238 -11.61 25.79 0.47
N GLU A 239 -12.40 26.25 1.44
CA GLU A 239 -11.99 26.27 2.85
C GLU A 239 -11.88 24.90 3.47
N LEU A 240 -12.80 24.04 3.11
CA LEU A 240 -12.79 22.68 3.60
C LEU A 240 -11.49 22.00 3.15
N ALA A 241 -11.20 21.99 1.84
CA ALA A 241 -9.94 21.43 1.37
C ALA A 241 -8.72 22.00 2.14
N ASP A 242 -8.66 23.32 2.39
CA ASP A 242 -7.53 23.88 3.17
C ASP A 242 -7.45 23.28 4.58
N GLN A 243 -8.61 23.19 5.23
CA GLN A 243 -8.77 22.56 6.53
C GLN A 243 -8.22 21.14 6.54
N LEU A 244 -8.65 20.36 5.56
CA LEU A 244 -8.18 18.99 5.44
C LEU A 244 -6.67 18.94 5.13
N LYS A 245 -6.17 19.84 4.25
CA LYS A 245 -4.75 19.83 3.87
C LYS A 245 -3.83 20.13 5.08
N GLN A 246 -4.35 20.93 6.01
CA GLN A 246 -3.60 21.20 7.25
C GLN A 246 -3.38 19.96 8.12
N LEU A 247 -4.26 18.97 8.05
CA LEU A 247 -4.08 17.67 8.73
C LEU A 247 -3.16 16.68 8.03
N MET A 248 -2.76 16.96 6.81
CA MET A 248 -1.92 16.08 5.98
C MET A 248 -0.44 16.43 5.99
N ALA A 249 0.40 15.41 5.93
CA ALA A 249 1.82 15.62 5.83
C ALA A 249 2.24 16.11 4.43
N ILE A 250 1.59 15.63 3.36
CA ILE A 250 1.85 16.10 2.00
C ILE A 250 1.23 17.50 1.62
N GLY A 251 0.12 17.89 2.13
CA GLY A 251 -0.37 19.22 1.80
C GLY A 251 -0.97 19.45 0.42
N ARG A 252 -1.47 18.38 -0.21
CA ARG A 252 -2.29 18.47 -1.45
C ARG A 252 -3.25 17.28 -1.36
N TYR A 253 -4.33 17.32 -2.12
CA TYR A 253 -5.19 16.16 -2.29
C TYR A 253 -4.51 15.16 -3.19
N GLY A 254 -4.92 13.90 -3.06
CA GLY A 254 -4.47 12.82 -3.90
C GLY A 254 -5.13 12.95 -5.28
N LYS A 255 -4.53 12.34 -6.27
CA LYS A 255 -5.12 12.31 -7.61
C LYS A 255 -5.79 10.95 -7.82
N ASP A 256 -6.86 10.92 -8.59
CA ASP A 256 -7.39 9.63 -8.99
C ASP A 256 -6.38 8.61 -9.55
N GLU A 257 -5.47 9.07 -10.42
CA GLU A 257 -4.45 8.21 -11.05
C GLU A 257 -3.52 7.54 -9.97
N GLU A 258 -3.32 8.21 -8.84
CA GLU A 258 -2.45 7.69 -7.81
C GLU A 258 -3.15 6.56 -7.08
N ILE A 259 -4.43 6.72 -6.79
CA ILE A 259 -5.22 5.62 -6.20
C ILE A 259 -5.27 4.46 -7.16
N ALA A 260 -5.52 4.79 -8.44
CA ALA A 260 -5.55 3.78 -9.47
C ALA A 260 -4.24 2.99 -9.55
N GLY A 261 -3.11 3.69 -9.49
CA GLY A 261 -1.79 3.08 -9.57
C GLY A 261 -1.60 2.01 -8.46
N PHE A 262 -2.10 2.33 -7.27
CA PHE A 262 -1.96 1.44 -6.14
C PHE A 262 -2.83 0.21 -6.25
N VAL A 263 -4.08 0.43 -6.66
CA VAL A 263 -5.02 -0.63 -6.97
C VAL A 263 -4.44 -1.57 -8.02
N ALA A 264 -3.93 -1.01 -9.10
CA ALA A 264 -3.35 -1.85 -10.14
C ALA A 264 -2.16 -2.67 -9.68
N TYR A 265 -1.27 -2.08 -8.90
CA TYR A 265 -0.19 -2.81 -8.25
C TYR A 265 -0.77 -3.98 -7.43
N LEU A 266 -1.80 -3.73 -6.61
CA LEU A 266 -2.35 -4.79 -5.78
C LEU A 266 -3.04 -5.87 -6.59
N ALA A 267 -3.58 -5.50 -7.76
CA ALA A 267 -4.31 -6.45 -8.62
C ALA A 267 -3.38 -7.28 -9.46
N GLY A 268 -2.08 -6.96 -9.43
CA GLY A 268 -1.07 -7.53 -10.27
C GLY A 268 -0.32 -8.76 -9.79
N PRO A 269 0.52 -9.29 -10.64
CA PRO A 269 1.25 -10.55 -10.36
C PRO A 269 2.34 -10.42 -9.27
N GLN A 270 2.74 -9.22 -8.91
CA GLN A 270 3.69 -8.97 -7.83
C GLN A 270 3.08 -8.96 -6.42
N ALA A 271 1.75 -8.92 -6.30
CA ALA A 271 1.08 -8.69 -5.05
C ALA A 271 0.38 -9.92 -4.43
N GLY A 272 0.82 -11.15 -4.79
CA GLY A 272 0.12 -12.37 -4.36
C GLY A 272 0.30 -12.63 -2.84
N TYR A 273 1.32 -11.98 -2.24
CA TYR A 273 1.60 -12.17 -0.85
C TYR A 273 1.00 -11.06 0.06
N ILE A 274 0.32 -10.05 -0.53
CA ILE A 274 -0.31 -9.00 0.24
C ILE A 274 -1.73 -9.40 0.40
N THR A 275 -2.18 -9.70 1.61
CA THR A 275 -3.58 -10.03 1.90
C THR A 275 -3.97 -9.74 3.33
N GLY A 276 -5.26 -9.51 3.48
CA GLY A 276 -5.84 -9.11 4.72
C GLY A 276 -5.53 -7.75 5.21
N ALA A 277 -4.87 -6.93 4.39
CA ALA A 277 -4.30 -5.68 4.85
C ALA A 277 -5.17 -4.49 4.60
N SER A 278 -5.11 -3.54 5.52
CA SER A 278 -5.69 -2.21 5.28
C SER A 278 -4.54 -1.22 5.03
N LEU A 279 -4.54 -0.64 3.84
CA LEU A 279 -3.35 -0.03 3.25
C LEU A 279 -3.63 1.44 3.00
N SER A 280 -3.00 2.33 3.76
CA SER A 280 -3.33 3.73 3.70
C SER A 280 -2.61 4.50 2.61
N ILE A 281 -3.37 5.24 1.83
CA ILE A 281 -2.88 6.11 0.80
C ILE A 281 -3.55 7.48 0.96
N ASP A 282 -3.00 8.26 1.89
CA ASP A 282 -3.71 9.40 2.39
C ASP A 282 -2.93 10.66 2.68
N GLY A 283 -1.77 10.77 2.04
CA GLY A 283 -0.92 11.94 2.24
C GLY A 283 -0.54 12.25 3.67
N GLY A 284 -0.56 11.19 4.48
CA GLY A 284 -0.29 11.34 5.88
C GLY A 284 -1.43 11.88 6.71
N PHE A 285 -2.64 11.86 6.18
CA PHE A 285 -3.80 12.32 6.96
C PHE A 285 -3.85 11.56 8.31
N SER A 286 -3.66 10.26 8.29
CA SER A 286 -3.75 9.49 9.48
C SER A 286 -2.45 9.34 10.27
N ALA A 287 -1.33 9.97 9.92
CA ALA A 287 -0.08 9.85 10.75
C ALA A 287 -0.26 10.29 12.29
N HIS B 43 12.02 2.02 -16.99
CA HIS B 43 13.13 2.67 -16.16
C HIS B 43 12.71 3.94 -15.46
N PRO B 44 11.72 3.83 -14.59
CA PRO B 44 11.17 5.01 -13.94
C PRO B 44 12.11 5.67 -12.95
N LEU B 45 13.16 4.96 -12.49
CA LEU B 45 14.14 5.59 -11.60
C LEU B 45 15.43 6.06 -12.30
N GLN B 46 15.40 6.31 -13.62
CA GLN B 46 16.60 6.78 -14.35
C GLN B 46 16.92 8.14 -13.83
N GLY B 47 18.17 8.40 -13.54
CA GLY B 47 18.55 9.68 -12.94
C GLY B 47 18.44 9.71 -11.40
N LYS B 48 17.85 8.71 -10.77
CA LYS B 48 17.66 8.72 -9.30
C LYS B 48 18.80 7.98 -8.58
N VAL B 49 18.97 8.25 -7.28
CA VAL B 49 20.04 7.70 -6.47
C VAL B 49 19.33 7.05 -5.25
N ALA B 50 19.64 5.77 -4.93
CA ALA B 50 19.14 5.08 -3.76
C ALA B 50 20.27 4.62 -2.88
N PHE B 51 19.99 4.56 -1.59
CA PHE B 51 20.86 4.01 -0.61
C PHE B 51 20.09 2.91 0.14
N VAL B 52 20.67 1.70 0.24
CA VAL B 52 19.98 0.56 0.85
C VAL B 52 20.85 0.12 2.02
N GLN B 53 20.35 0.28 3.26
CA GLN B 53 21.04 -0.15 4.45
C GLN B 53 20.76 -1.61 4.59
N GLY B 54 21.78 -2.46 4.36
CA GLY B 54 21.69 -3.95 4.38
C GLY B 54 21.22 -4.51 3.07
N GLY B 55 22.12 -4.53 2.09
CA GLY B 55 21.81 -4.92 0.72
C GLY B 55 22.50 -6.10 0.07
N SER B 56 23.17 -6.97 0.85
CA SER B 56 24.00 -8.01 0.24
C SER B 56 23.33 -9.36 0.12
N ARG B 57 22.29 -9.63 0.91
CA ARG B 57 21.61 -10.92 0.81
C ARG B 57 20.11 -10.75 0.92
N GLY B 58 19.40 -11.83 0.60
CA GLY B 58 17.91 -11.96 0.68
C GLY B 58 17.13 -10.76 0.21
N ILE B 59 16.35 -10.18 1.12
CA ILE B 59 15.46 -9.09 0.71
C ILE B 59 16.25 -7.86 0.30
N GLY B 60 17.31 -7.54 1.04
CA GLY B 60 18.17 -6.45 0.66
C GLY B 60 18.77 -6.52 -0.73
N ALA B 61 19.38 -7.65 -1.03
CA ALA B 61 19.84 -7.93 -2.41
C ALA B 61 18.80 -7.80 -3.49
N ALA B 62 17.59 -8.30 -3.21
CA ALA B 62 16.52 -8.20 -4.16
C ALA B 62 16.10 -6.73 -4.37
N ILE B 63 16.10 -5.94 -3.27
CA ILE B 63 15.78 -4.54 -3.35
C ILE B 63 16.83 -3.81 -4.25
N VAL B 64 18.09 -4.03 -3.94
CA VAL B 64 19.21 -3.41 -4.73
C VAL B 64 19.08 -3.75 -6.23
N LYS B 65 18.82 -5.02 -6.51
CA LYS B 65 18.68 -5.54 -7.86
C LYS B 65 17.49 -4.89 -8.58
N ARG B 66 16.36 -4.79 -7.89
CA ARG B 66 15.20 -4.14 -8.50
C ARG B 66 15.38 -2.66 -8.74
N LEU B 67 15.86 -1.94 -7.72
CA LEU B 67 16.07 -0.50 -7.92
C LEU B 67 17.09 -0.21 -9.06
N ALA B 68 18.17 -0.98 -9.12
CA ALA B 68 19.15 -0.82 -10.21
C ALA B 68 18.52 -1.13 -11.60
N SER B 69 17.71 -2.18 -11.69
CA SER B 69 17.02 -2.52 -12.94
C SER B 69 16.06 -1.44 -13.44
N GLU B 70 15.54 -0.60 -12.53
CA GLU B 70 14.68 0.50 -12.86
C GLU B 70 15.46 1.78 -13.17
N GLY B 71 16.80 1.67 -13.13
CA GLY B 71 17.67 2.74 -13.54
C GLY B 71 18.31 3.54 -12.46
N ALA B 72 18.03 3.20 -11.18
CA ALA B 72 18.62 3.93 -10.10
C ALA B 72 20.11 3.65 -10.01
N ALA B 73 20.89 4.64 -9.63
CA ALA B 73 22.17 4.37 -8.99
C ALA B 73 21.92 3.87 -7.55
N VAL B 74 22.62 2.81 -7.11
CA VAL B 74 22.39 2.24 -5.79
C VAL B 74 23.71 2.08 -5.00
N ALA B 75 23.82 2.73 -3.85
CA ALA B 75 24.83 2.37 -2.85
C ALA B 75 24.18 1.51 -1.81
N PHE B 76 24.86 0.51 -1.33
CA PHE B 76 24.27 -0.27 -0.22
C PHE B 76 25.34 -0.61 0.82
N THR B 77 24.91 -0.86 2.03
CA THR B 77 25.82 -1.37 3.08
C THR B 77 25.63 -2.87 3.26
N TYR B 78 26.69 -3.49 3.77
CA TYR B 78 26.65 -4.86 4.15
C TYR B 78 27.68 -5.11 5.25
N ALA B 79 27.53 -6.23 5.95
CA ALA B 79 28.43 -6.56 7.06
C ALA B 79 28.48 -8.08 7.25
N ALA B 89 37.18 0.83 6.47
CA ALA B 89 36.59 1.42 5.29
C ALA B 89 36.89 0.65 3.99
N SER B 90 35.88 -0.05 3.50
CA SER B 90 36.01 -0.85 2.30
C SER B 90 34.76 -0.81 1.39
N ALA B 91 34.96 -0.83 0.08
CA ALA B 91 33.89 -0.74 -0.89
C ALA B 91 34.30 -1.37 -2.18
N VAL B 92 33.30 -1.68 -2.99
CA VAL B 92 33.55 -2.33 -4.24
C VAL B 92 32.55 -1.76 -5.25
N THR B 93 32.99 -1.64 -6.51
CA THR B 93 32.09 -1.17 -7.57
C THR B 93 32.61 -1.62 -8.89
N THR B 94 31.96 -1.24 -10.00
CA THR B 94 32.37 -1.65 -11.33
C THR B 94 32.55 -0.32 -12.14
N ALA B 95 33.57 -0.28 -12.96
CA ALA B 95 33.80 0.90 -13.81
C ALA B 95 32.64 1.00 -14.74
N GLY B 96 31.98 2.15 -14.77
CA GLY B 96 30.85 2.38 -15.66
C GLY B 96 29.54 1.90 -15.07
N GLY B 97 29.60 1.27 -13.89
CA GLY B 97 28.39 0.67 -13.26
C GLY B 97 27.86 1.73 -12.28
N LYS B 98 26.65 1.49 -11.80
CA LYS B 98 26.02 2.46 -10.91
C LYS B 98 25.60 1.81 -9.60
N VAL B 99 26.30 0.73 -9.21
CA VAL B 99 26.03 0.02 -7.95
C VAL B 99 27.30 -0.03 -7.12
N LEU B 100 27.25 0.53 -5.92
CA LEU B 100 28.38 0.66 -5.00
C LEU B 100 28.11 -0.11 -3.70
N ALA B 101 28.97 -1.07 -3.34
CA ALA B 101 28.79 -1.95 -2.14
C ALA B 101 29.75 -1.47 -1.10
N ILE B 102 29.24 -1.04 0.07
CA ILE B 102 30.05 -0.47 1.13
C ILE B 102 29.97 -1.35 2.43
N LYS B 103 31.09 -1.77 2.98
CA LYS B 103 31.08 -2.51 4.22
C LYS B 103 30.87 -1.60 5.37
N ALA B 104 29.77 -1.79 6.08
CA ALA B 104 29.50 -1.00 7.28
C ALA B 104 28.59 -1.81 8.20
N ASP B 105 28.96 -1.95 9.47
CA ASP B 105 28.04 -2.56 10.43
C ASP B 105 27.00 -1.57 10.85
N SER B 106 25.74 -1.99 10.86
CA SER B 106 24.63 -1.09 11.16
C SER B 106 24.59 -0.60 12.61
N ALA B 107 25.23 -1.31 13.53
CA ALA B 107 25.41 -0.75 14.88
C ALA B 107 26.45 0.39 14.96
N ASP B 108 27.28 0.59 13.93
CA ASP B 108 28.32 1.64 13.96
C ASP B 108 27.89 2.99 13.33
N ALA B 109 27.52 3.99 14.18
CA ALA B 109 27.00 5.31 13.74
C ALA B 109 27.93 5.96 12.73
N ALA B 110 29.23 5.94 13.05
CA ALA B 110 30.21 6.65 12.25
C ALA B 110 30.28 6.07 10.86
N ALA B 111 30.30 4.74 10.78
CA ALA B 111 30.39 4.01 9.54
C ALA B 111 29.17 4.12 8.62
N LEU B 112 28.00 4.28 9.22
CA LEU B 112 26.78 4.53 8.49
C LEU B 112 26.76 5.89 7.95
N GLN B 113 27.20 6.90 8.73
CA GLN B 113 27.17 8.24 8.30
C GLN B 113 28.15 8.48 7.16
N GLN B 114 29.37 7.96 7.33
CA GLN B 114 30.35 7.82 6.28
C GLN B 114 29.86 7.14 5.02
N ALA B 115 29.15 6.01 5.13
CA ALA B 115 28.63 5.35 3.97
C ALA B 115 27.68 6.24 3.17
N VAL B 116 26.80 6.94 3.87
CA VAL B 116 25.88 7.85 3.20
C VAL B 116 26.64 8.91 2.42
N ARG B 117 27.64 9.48 3.06
CA ARG B 117 28.46 10.52 2.47
C ARG B 117 29.27 10.04 1.30
N GLN B 118 29.74 8.78 1.34
CA GLN B 118 30.37 8.18 0.17
C GLN B 118 29.41 8.03 -1.01
N ALA B 119 28.19 7.56 -0.74
CA ALA B 119 27.19 7.47 -1.76
C ALA B 119 26.99 8.80 -2.45
N VAL B 120 26.88 9.86 -1.66
CA VAL B 120 26.54 11.18 -2.17
C VAL B 120 27.75 11.75 -2.96
N SER B 121 28.95 11.48 -2.47
CA SER B 121 30.17 11.76 -3.21
C SER B 121 30.15 11.17 -4.64
N HIS B 122 29.73 9.91 -4.77
CA HIS B 122 29.65 9.29 -6.06
C HIS B 122 28.50 9.77 -6.93
N PHE B 123 27.32 9.93 -6.31
CA PHE B 123 26.11 10.00 -7.11
C PHE B 123 25.34 11.26 -6.95
N GLY B 124 25.73 12.10 -6.00
CA GLY B 124 24.93 13.28 -5.68
C GLY B 124 23.84 13.01 -4.66
N ASN B 125 22.98 14.01 -4.37
CA ASN B 125 21.96 13.76 -3.36
C ASN B 125 21.12 12.50 -3.60
N LEU B 126 20.76 11.87 -2.48
CA LEU B 126 19.87 10.73 -2.53
C LEU B 126 18.45 11.14 -2.92
N ASP B 127 17.76 10.23 -3.60
CA ASP B 127 16.35 10.33 -3.77
C ASP B 127 15.61 9.31 -2.87
N ILE B 128 16.24 8.18 -2.60
CA ILE B 128 15.62 7.02 -1.96
C ILE B 128 16.54 6.51 -0.86
N LEU B 129 16.00 6.24 0.33
CA LEU B 129 16.68 5.39 1.32
C LEU B 129 15.78 4.24 1.72
N VAL B 130 16.36 3.05 1.79
CA VAL B 130 15.68 1.85 2.27
C VAL B 130 16.44 1.37 3.49
N ASN B 131 15.78 1.30 4.64
CA ASN B 131 16.41 0.75 5.85
C ASN B 131 16.02 -0.70 6.08
N ASN B 132 16.92 -1.56 5.76
CA ASN B 132 16.70 -3.01 5.74
C ASN B 132 17.63 -3.76 6.66
N ALA B 133 18.40 -3.10 7.52
CA ALA B 133 19.19 -3.87 8.46
C ALA B 133 18.21 -4.56 9.45
N GLY B 134 18.64 -5.62 10.14
CA GLY B 134 17.69 -6.36 10.99
C GLY B 134 18.40 -7.49 11.73
N VAL B 135 18.10 -7.62 13.02
CA VAL B 135 18.64 -8.68 13.88
C VAL B 135 17.42 -9.24 14.61
N LEU B 136 17.31 -10.58 14.69
CA LEU B 136 16.25 -11.27 15.40
C LEU B 136 16.92 -12.23 16.34
N THR B 137 16.80 -12.03 17.65
CA THR B 137 17.19 -12.99 18.66
C THR B 137 15.98 -13.35 19.51
N LEU B 138 15.71 -14.63 19.65
CA LEU B 138 14.58 -15.11 20.42
C LEU B 138 15.02 -15.19 21.85
N GLY B 139 14.12 -14.85 22.81
CA GLY B 139 14.41 -14.96 24.20
C GLY B 139 13.19 -14.49 25.02
N GLY B 140 12.80 -15.26 26.02
CA GLY B 140 11.79 -14.83 26.95
C GLY B 140 12.19 -13.61 27.77
N THR B 141 11.16 -12.93 28.25
CA THR B 141 11.35 -11.79 29.06
C THR B 141 12.32 -12.10 30.22
N GLU B 142 12.12 -13.22 30.90
CA GLU B 142 12.94 -13.53 32.06
C GLU B 142 14.39 -13.85 31.72
N GLU B 143 14.65 -14.33 30.51
CA GLU B 143 15.93 -14.94 30.14
C GLU B 143 16.80 -14.13 29.17
N LEU B 144 16.21 -13.25 28.34
CA LEU B 144 17.00 -12.59 27.30
C LEU B 144 18.22 -11.87 27.86
N ALA B 145 19.39 -12.07 27.27
CA ALA B 145 20.62 -11.38 27.70
C ALA B 145 20.52 -9.87 27.33
N LEU B 146 20.97 -9.01 28.20
CA LEU B 146 20.95 -7.56 27.92
C LEU B 146 21.77 -7.18 26.70
N ASP B 147 22.83 -7.96 26.42
CA ASP B 147 23.57 -7.75 25.20
C ASP B 147 22.74 -7.95 23.92
N ASP B 148 21.83 -8.92 23.91
CA ASP B 148 20.95 -9.17 22.75
C ASP B 148 19.89 -8.08 22.64
N LEU B 149 19.40 -7.63 23.79
CA LEU B 149 18.54 -6.43 23.83
C LEU B 149 19.24 -5.26 23.15
N ASP B 150 20.43 -4.96 23.63
CA ASP B 150 21.17 -3.83 23.07
C ASP B 150 21.49 -3.97 21.57
N ARG B 151 21.82 -5.16 21.13
CA ARG B 151 22.04 -5.41 19.72
C ARG B 151 20.77 -5.15 18.87
N MET B 152 19.64 -5.68 19.30
CA MET B 152 18.39 -5.44 18.58
C MET B 152 17.99 -3.97 18.62
N LEU B 153 18.23 -3.29 19.72
CA LEU B 153 17.94 -1.86 19.80
C LEU B 153 18.87 -1.01 18.87
N ALA B 154 20.16 -1.34 18.89
CA ALA B 154 21.17 -0.66 18.05
C ALA B 154 20.89 -0.79 16.57
N VAL B 155 20.68 -2.01 16.11
CA VAL B 155 20.46 -2.28 14.71
C VAL B 155 19.04 -1.96 14.28
N ASN B 156 18.02 -2.46 15.00
CA ASN B 156 16.67 -2.34 14.48
C ASN B 156 16.03 -0.99 14.69
N VAL B 157 16.57 -0.16 15.59
CA VAL B 157 15.92 1.08 15.99
C VAL B 157 16.85 2.25 15.79
N ARG B 158 17.93 2.25 16.56
CA ARG B 158 18.89 3.36 16.52
C ARG B 158 19.44 3.69 15.13
N SER B 159 19.92 2.66 14.45
CA SER B 159 20.50 2.79 13.10
C SER B 159 19.54 3.16 12.02
N VAL B 160 18.28 2.79 12.20
CA VAL B 160 17.21 3.30 11.38
C VAL B 160 17.12 4.84 11.48
N PHE B 161 17.12 5.39 12.69
CA PHE B 161 17.05 6.81 12.87
C PHE B 161 18.36 7.46 12.34
N VAL B 162 19.51 6.90 12.65
CA VAL B 162 20.79 7.46 12.21
C VAL B 162 20.89 7.59 10.67
N ALA B 163 20.61 6.51 9.95
CA ALA B 163 20.64 6.54 8.51
C ALA B 163 19.61 7.53 7.99
N SER B 164 18.41 7.57 8.63
CA SER B 164 17.34 8.39 8.10
C SER B 164 17.75 9.87 8.22
N GLN B 165 18.43 10.22 9.31
CA GLN B 165 18.78 11.63 9.54
C GLN B 165 19.86 12.03 8.55
N GLU B 166 20.84 11.16 8.39
CA GLU B 166 21.94 11.52 7.50
C GLU B 166 21.44 11.64 6.06
N ALA B 167 20.57 10.73 5.66
CA ALA B 167 19.98 10.70 4.32
C ALA B 167 19.17 11.95 4.15
N ALA B 168 18.40 12.32 5.17
CA ALA B 168 17.53 13.47 5.03
C ALA B 168 18.35 14.74 4.90
N ARG B 169 19.50 14.82 5.52
CA ARG B 169 20.44 15.98 5.28
C ARG B 169 21.03 16.06 3.87
N HIS B 170 20.94 14.98 3.11
CA HIS B 170 21.47 14.92 1.75
C HIS B 170 20.48 14.28 0.81
N MET B 171 19.25 14.76 0.83
CA MET B 171 18.24 14.16 -0.02
C MET B 171 17.52 15.25 -0.76
N ASN B 172 17.11 14.92 -1.97
CA ASN B 172 16.32 15.86 -2.78
C ASN B 172 14.89 15.95 -2.30
N ASP B 173 14.31 17.14 -2.42
CA ASP B 173 12.90 17.23 -2.21
C ASP B 173 12.22 16.27 -3.16
N GLY B 174 11.09 15.70 -2.76
CA GLY B 174 10.38 14.66 -3.55
C GLY B 174 10.94 13.24 -3.34
N GLY B 175 11.77 13.08 -2.31
CA GLY B 175 12.45 11.81 -2.00
C GLY B 175 11.54 10.81 -1.27
N ARG B 176 12.14 9.66 -0.92
CA ARG B 176 11.44 8.51 -0.36
C ARG B 176 12.32 7.87 0.70
N ILE B 177 11.76 7.63 1.90
CA ILE B 177 12.39 6.86 2.92
C ILE B 177 11.47 5.62 3.22
N ILE B 178 12.01 4.42 3.14
CA ILE B 178 11.24 3.21 3.34
C ILE B 178 11.99 2.40 4.41
N HIS B 179 11.31 2.18 5.51
CA HIS B 179 11.84 1.33 6.61
C HIS B 179 11.28 -0.07 6.37
N ILE B 180 12.04 -1.11 6.69
CA ILE B 180 11.53 -2.44 6.57
C ILE B 180 11.28 -2.88 8.02
N GLY B 181 10.04 -2.95 8.40
CA GLY B 181 9.59 -3.36 9.74
C GLY B 181 9.24 -4.84 9.78
N SER B 182 8.16 -5.19 10.44
CA SER B 182 7.75 -6.59 10.51
C SER B 182 6.28 -6.60 10.92
N THR B 183 5.52 -7.59 10.44
CA THR B 183 4.20 -7.87 10.90
C THR B 183 4.16 -8.24 12.39
N ASN B 184 5.30 -8.64 12.97
CA ASN B 184 5.36 -8.79 14.44
C ASN B 184 5.10 -7.56 15.24
N ALA B 185 5.14 -6.39 14.60
CA ALA B 185 4.65 -5.18 15.23
C ALA B 185 3.16 -5.22 15.60
N GLU B 186 2.36 -5.96 14.82
CA GLU B 186 0.93 -6.03 15.02
C GLU B 186 0.48 -7.36 15.63
N ARG B 187 1.14 -8.44 15.28
CA ARG B 187 0.75 -9.72 15.82
C ARG B 187 1.96 -10.49 16.28
N VAL B 188 1.97 -10.88 17.54
CA VAL B 188 3.08 -11.58 18.15
C VAL B 188 2.42 -12.87 18.68
N PRO B 189 2.40 -13.94 17.90
CA PRO B 189 1.56 -15.09 18.37
C PRO B 189 2.19 -16.03 19.38
N PHE B 190 3.50 -16.00 19.53
CA PHE B 190 4.27 -16.89 20.41
C PHE B 190 5.17 -16.10 21.36
N GLY B 191 5.62 -16.74 22.42
CA GLY B 191 6.61 -16.21 23.28
C GLY B 191 7.95 -16.14 22.62
N GLY B 192 8.87 -15.42 23.25
CA GLY B 192 10.25 -15.32 22.77
C GLY B 192 10.49 -14.12 21.85
N ALA B 193 9.43 -13.42 21.42
CA ALA B 193 9.55 -12.35 20.43
C ALA B 193 9.39 -10.93 20.99
N ALA B 194 9.35 -10.78 22.32
CA ALA B 194 8.96 -9.51 22.94
C ALA B 194 9.86 -8.34 22.49
N VAL B 195 11.16 -8.53 22.58
CA VAL B 195 12.09 -7.44 22.25
C VAL B 195 12.17 -7.27 20.73
N TYR B 196 12.14 -8.36 19.97
CA TYR B 196 12.10 -8.20 18.51
C TYR B 196 10.81 -7.37 18.08
N ALA B 197 9.65 -7.72 18.62
CA ALA B 197 8.40 -7.04 18.36
C ALA B 197 8.46 -5.60 18.79
N MET B 198 9.01 -5.34 19.95
CA MET B 198 9.25 -4.02 20.39
C MET B 198 10.05 -3.20 19.37
N SER B 199 11.11 -3.79 18.88
CA SER B 199 12.04 -3.10 17.99
C SER B 199 11.38 -2.76 16.71
N LYS B 200 10.42 -3.61 16.27
CA LYS B 200 9.73 -3.40 14.99
C LYS B 200 8.49 -2.52 15.12
N SER B 201 7.76 -2.60 16.25
CA SER B 201 6.67 -1.69 16.51
C SER B 201 7.14 -0.25 16.70
N ALA B 202 8.36 -0.06 17.17
CA ALA B 202 8.98 1.29 17.19
C ALA B 202 8.92 2.02 15.86
N LEU B 203 9.03 1.28 14.75
CA LEU B 203 8.99 1.90 13.44
C LEU B 203 7.67 2.55 13.08
N VAL B 204 6.57 2.12 13.73
CA VAL B 204 5.25 2.73 13.51
C VAL B 204 5.22 4.19 13.87
N GLY B 205 5.60 4.50 15.10
CA GLY B 205 5.71 5.85 15.60
C GLY B 205 6.73 6.64 14.84
N LEU B 206 7.87 6.00 14.54
CA LEU B 206 8.95 6.73 13.80
C LEU B 206 8.44 7.21 12.43
N THR B 207 7.73 6.33 11.76
CA THR B 207 7.27 6.56 10.39
C THR B 207 6.26 7.73 10.37
N LYS B 208 5.37 7.73 11.36
CA LYS B 208 4.39 8.71 11.52
C LYS B 208 5.02 10.07 11.79
N GLY B 209 5.94 10.18 12.75
CA GLY B 209 6.57 11.43 13.01
C GLY B 209 7.52 11.97 11.95
N MET B 210 8.27 11.07 11.33
CA MET B 210 9.17 11.42 10.18
C MET B 210 8.37 11.88 8.98
N ALA B 211 7.22 11.26 8.71
CA ALA B 211 6.36 11.71 7.61
C ALA B 211 5.86 13.19 7.82
N ARG B 212 5.57 13.53 9.06
CA ARG B 212 5.22 14.90 9.43
C ARG B 212 6.39 15.83 9.21
N ASP B 213 7.55 15.40 9.69
CA ASP B 213 8.78 16.22 9.63
C ASP B 213 9.14 16.54 8.19
N LEU B 214 9.08 15.52 7.36
CA LEU B 214 9.60 15.61 5.98
C LEU B 214 8.56 15.90 4.89
N GLY B 215 7.31 15.90 5.28
CA GLY B 215 6.20 16.15 4.29
C GLY B 215 6.29 17.52 3.61
N PRO B 216 6.77 18.54 4.33
CA PRO B 216 6.93 19.86 3.63
C PRO B 216 7.96 19.85 2.50
N ARG B 217 8.91 18.91 2.54
CA ARG B 217 9.85 18.73 1.45
C ARG B 217 9.42 17.73 0.37
N SER B 218 8.15 17.32 0.43
CA SER B 218 7.56 16.25 -0.35
C SER B 218 8.37 14.95 -0.32
N ILE B 219 8.97 14.63 0.83
CA ILE B 219 9.64 13.34 1.04
C ILE B 219 8.59 12.43 1.71
N THR B 220 8.32 11.29 1.16
CA THR B 220 7.50 10.32 1.83
C THR B 220 8.34 9.38 2.72
N VAL B 221 7.65 8.82 3.74
CA VAL B 221 8.21 7.96 4.74
C VAL B 221 7.18 6.87 5.03
N ASN B 222 7.54 5.61 4.79
CA ASN B 222 6.62 4.46 4.94
C ASN B 222 7.37 3.30 5.58
N ASN B 223 6.61 2.35 6.18
CA ASN B 223 7.17 1.27 6.89
C ASN B 223 6.52 0.01 6.24
N VAL B 224 7.31 -0.77 5.53
CA VAL B 224 6.89 -1.99 4.92
C VAL B 224 7.06 -3.13 5.96
N GLN B 225 6.00 -3.89 6.21
CA GLN B 225 6.00 -4.84 7.29
C GLN B 225 5.90 -6.25 6.70
N PRO B 226 7.03 -6.91 6.46
CA PRO B 226 6.87 -8.26 5.92
C PRO B 226 6.53 -9.29 6.97
N GLY B 227 5.97 -10.41 6.52
CA GLY B 227 5.74 -11.54 7.33
C GLY B 227 6.85 -12.50 6.93
N PRO B 228 6.62 -13.82 7.12
CA PRO B 228 7.78 -14.72 6.86
C PRO B 228 8.26 -14.75 5.36
N VAL B 229 9.59 -14.72 5.11
CA VAL B 229 10.12 -14.71 3.70
C VAL B 229 11.17 -15.79 3.42
N GLN B 243 3.72 -24.47 11.96
CA GLN B 243 3.22 -23.75 13.15
C GLN B 243 2.81 -22.32 12.75
N LEU B 244 3.70 -21.65 12.02
CA LEU B 244 3.42 -20.41 11.36
C LEU B 244 2.40 -20.58 10.22
N LYS B 245 2.36 -21.76 9.61
CA LYS B 245 1.52 -21.97 8.42
C LYS B 245 0.05 -21.89 8.73
N GLN B 246 -0.35 -22.41 9.87
CA GLN B 246 -1.71 -22.21 10.36
C GLN B 246 -2.09 -20.72 10.47
N LEU B 247 -1.10 -19.86 10.76
CA LEU B 247 -1.34 -18.43 10.82
C LEU B 247 -1.39 -17.75 9.44
N MET B 248 -0.82 -18.34 8.39
CA MET B 248 -0.73 -17.70 7.10
C MET B 248 -2.06 -17.89 6.32
N ALA B 249 -2.70 -16.81 5.83
CA ALA B 249 -3.88 -16.99 4.98
C ALA B 249 -3.51 -17.60 3.63
N ILE B 250 -2.39 -17.24 3.00
CA ILE B 250 -2.16 -17.84 1.69
C ILE B 250 -1.25 -19.09 1.65
N GLY B 251 -0.73 -19.58 2.76
CA GLY B 251 -0.17 -20.97 2.76
C GLY B 251 1.20 -21.16 2.12
N ARG B 252 1.96 -20.09 1.99
CA ARG B 252 3.36 -20.14 1.55
C ARG B 252 4.15 -19.06 2.25
N TYR B 253 5.48 -19.09 2.14
CA TYR B 253 6.32 -17.94 2.49
C TYR B 253 6.38 -16.95 1.34
N GLY B 254 6.66 -15.72 1.70
CA GLY B 254 6.84 -14.67 0.70
C GLY B 254 8.18 -14.81 0.00
N LYS B 255 8.31 -14.32 -1.22
CA LYS B 255 9.59 -14.38 -1.90
C LYS B 255 10.28 -13.02 -1.69
N ASP B 256 11.61 -13.04 -1.59
CA ASP B 256 12.40 -11.77 -1.53
C ASP B 256 11.99 -10.80 -2.63
N GLU B 257 11.79 -11.31 -3.83
CA GLU B 257 11.40 -10.44 -4.98
C GLU B 257 10.08 -9.71 -4.76
N GLU B 258 9.18 -10.33 -4.00
CA GLU B 258 7.88 -9.72 -3.70
C GLU B 258 8.01 -8.54 -2.80
N ILE B 259 8.84 -8.68 -1.77
CA ILE B 259 9.12 -7.58 -0.86
C ILE B 259 9.74 -6.45 -1.69
N ALA B 260 10.76 -6.79 -2.48
CA ALA B 260 11.39 -5.82 -3.34
C ALA B 260 10.46 -5.08 -4.29
N GLY B 261 9.51 -5.79 -4.92
CA GLY B 261 8.50 -5.17 -5.78
C GLY B 261 7.68 -4.12 -5.09
N PHE B 262 7.30 -4.39 -3.83
CA PHE B 262 6.55 -3.41 -3.05
C PHE B 262 7.40 -2.19 -2.67
N VAL B 263 8.65 -2.45 -2.23
CA VAL B 263 9.58 -1.36 -1.96
C VAL B 263 9.73 -0.45 -3.24
N ALA B 264 9.92 -1.07 -4.41
CA ALA B 264 10.17 -0.32 -5.64
C ALA B 264 8.96 0.45 -6.03
N TYR B 265 7.76 -0.10 -5.79
CA TYR B 265 6.54 0.66 -6.04
C TYR B 265 6.52 1.93 -5.15
N LEU B 266 6.72 1.79 -3.85
CA LEU B 266 6.76 2.92 -3.01
C LEU B 266 7.89 3.91 -3.32
N ALA B 267 8.99 3.42 -3.86
CA ALA B 267 10.14 4.31 -4.15
C ALA B 267 9.93 5.12 -5.36
N GLY B 268 8.90 4.86 -6.14
CA GLY B 268 8.76 5.36 -7.47
C GLY B 268 7.86 6.57 -7.59
N PRO B 269 7.71 7.09 -8.82
CA PRO B 269 6.92 8.34 -9.13
C PRO B 269 5.40 8.20 -8.92
N GLN B 270 4.87 7.00 -8.75
CA GLN B 270 3.40 6.87 -8.55
C GLN B 270 2.96 6.96 -7.10
N ALA B 271 3.94 6.97 -6.19
CA ALA B 271 3.65 6.79 -4.77
C ALA B 271 3.81 8.03 -3.95
N GLY B 272 3.79 9.23 -4.58
CA GLY B 272 4.02 10.46 -3.85
C GLY B 272 2.98 10.81 -2.77
N TYR B 273 1.81 10.16 -2.84
CA TYR B 273 0.71 10.39 -1.92
C TYR B 273 0.64 9.37 -0.75
N ILE B 274 1.49 8.33 -0.80
CA ILE B 274 1.55 7.35 0.29
C ILE B 274 2.62 7.83 1.26
N THR B 275 2.19 8.23 2.46
CA THR B 275 3.20 8.58 3.48
C THR B 275 2.63 8.36 4.88
N GLY B 276 3.56 8.13 5.81
CA GLY B 276 3.25 7.84 7.15
C GLY B 276 2.67 6.44 7.45
N ALA B 277 2.57 5.56 6.44
CA ALA B 277 1.84 4.37 6.53
C ALA B 277 2.70 3.18 6.94
N SER B 278 2.10 2.29 7.69
CA SER B 278 2.71 0.94 7.91
C SER B 278 1.94 -0.05 7.09
N LEU B 279 2.63 -0.70 6.16
CA LEU B 279 1.99 -1.39 5.05
C LEU B 279 2.37 -2.86 5.08
N SER B 280 1.41 -3.74 5.31
CA SER B 280 1.73 -5.13 5.55
C SER B 280 1.72 -6.00 4.32
N ILE B 281 2.76 -6.81 4.24
CA ILE B 281 2.99 -7.73 3.09
C ILE B 281 3.41 -9.05 3.76
N ASP B 282 2.45 -9.80 4.24
CA ASP B 282 2.71 -10.87 5.19
C ASP B 282 1.86 -12.11 5.01
N GLY B 283 1.28 -12.31 3.80
CA GLY B 283 0.50 -13.52 3.53
C GLY B 283 -0.72 -13.68 4.42
N GLY B 284 -1.18 -12.59 5.02
CA GLY B 284 -2.26 -12.61 5.97
C GLY B 284 -1.95 -13.13 7.36
N PHE B 285 -0.65 -13.23 7.67
CA PHE B 285 -0.20 -13.60 9.04
C PHE B 285 -0.91 -12.80 10.13
N SER B 286 -1.00 -11.48 9.96
CA SER B 286 -1.62 -10.59 10.94
C SER B 286 -3.12 -10.35 10.84
N ALA B 287 -3.81 -10.96 9.89
CA ALA B 287 -5.29 -10.82 9.81
C ALA B 287 -6.09 -11.25 11.11
#